data_5Q0T
#
_entry.id   5Q0T
#
_cell.length_a   93.940
_cell.length_b   93.940
_cell.length_c   47.670
_cell.angle_alpha   90.000
_cell.angle_beta   90.000
_cell.angle_gamma   120.000
#
_symmetry.space_group_name_H-M   'P 65'
#
loop_
_entity.id
_entity.type
_entity.pdbx_description
1 polymer 'Bile acid receptor'
2 polymer 'COACTIVATOR PEPTIDE SRC-1 HD3'
3 non-polymer 2-phenyl-N-(propan-2-yl)-6-[(thiophen-2-yl)sulfonyl]-4,5,6,7-tetrahydro-1H-pyrrolo[2,3-c]pyridine-1-carboxamide
4 water water
#
loop_
_entity_poly.entity_id
_entity_poly.type
_entity_poly.pdbx_seq_one_letter_code
_entity_poly.pdbx_strand_id
1 'polypeptide(L)'
;GSHMELTPDQQTLLHFIMDSYNKQRMPQEITNKILKEAFSAEENFLILTEMATNHVQVLVEFTKKLPGFQTLDHEDQIAL
LKGSAVEAMFLRSAEIFNKKLPSGHSDLLEARIRNSGISDEYITPMFSFYKSIGELKMTQEEYALLTAIVILSPDRQYIK
DREAVEKLQEPLLDVLQKLCKIHQPENPQHFACLLGRLTELRTFNHHHAEMLMSWRVNDHKFTPLLCEIWDVQ
;
A
2 'polypeptide(L)' KDHQLLRYLLDKDE B
#
# COMPACT_ATOMS: atom_id res chain seq x y z
N MET A 4 21.82 -13.94 15.28
CA MET A 4 21.31 -13.62 13.94
C MET A 4 21.26 -12.11 13.75
N GLU A 5 21.88 -11.60 12.66
CA GLU A 5 21.91 -10.15 12.37
C GLU A 5 21.96 -9.83 10.88
N LEU A 6 21.46 -8.63 10.52
CA LEU A 6 21.46 -8.16 9.14
C LEU A 6 22.88 -7.83 8.73
N THR A 7 23.30 -8.30 7.53
CA THR A 7 24.62 -8.02 6.95
C THR A 7 24.67 -6.52 6.60
N PRO A 8 25.85 -5.88 6.47
CA PRO A 8 25.88 -4.44 6.07
C PRO A 8 25.02 -4.11 4.85
N ASP A 9 24.93 -5.04 3.90
CA ASP A 9 24.12 -4.96 2.67
C ASP A 9 22.61 -4.90 2.97
N GLN A 10 22.13 -5.81 3.84
CA GLN A 10 20.72 -5.87 4.26
C GLN A 10 20.36 -4.65 5.09
N GLN A 11 21.31 -4.17 5.92
CA GLN A 11 21.12 -2.97 6.74
C GLN A 11 20.94 -1.73 5.85
N THR A 12 21.82 -1.57 4.83
CA THR A 12 21.79 -0.47 3.85
C THR A 12 20.46 -0.45 3.12
N LEU A 13 20.07 -1.60 2.53
CA LEU A 13 18.83 -1.84 1.81
C LEU A 13 17.62 -1.53 2.73
N LEU A 14 17.66 -1.99 4.01
CA LEU A 14 16.58 -1.69 4.95
C LEU A 14 16.49 -0.20 5.21
N HIS A 15 17.64 0.45 5.51
CA HIS A 15 17.70 1.88 5.77
C HIS A 15 17.14 2.74 4.61
N PHE A 16 17.34 2.28 3.38
CA PHE A 16 16.82 2.98 2.20
C PHE A 16 15.29 2.92 2.14
N ILE A 17 14.70 1.72 2.38
CA ILE A 17 13.25 1.47 2.40
C ILE A 17 12.60 2.33 3.50
N MET A 18 13.16 2.25 4.72
CA MET A 18 12.68 2.95 5.91
C MET A 18 12.62 4.45 5.73
N ASP A 19 13.72 5.03 5.23
CA ASP A 19 13.84 6.46 5.00
C ASP A 19 12.74 6.96 4.07
N SER A 20 12.59 6.33 2.89
CA SER A 20 11.57 6.72 1.92
C SER A 20 10.14 6.43 2.39
N TYR A 21 9.96 5.39 3.24
CA TYR A 21 8.65 5.05 3.79
C TYR A 21 8.21 6.09 4.83
N ASN A 22 9.14 6.59 5.66
CA ASN A 22 8.85 7.61 6.66
C ASN A 22 8.62 8.99 6.04
N LYS A 23 9.11 9.22 4.79
CA LYS A 23 8.96 10.48 4.05
C LYS A 23 7.50 10.85 3.83
N GLN A 24 6.66 9.85 3.53
CA GLN A 24 5.22 10.02 3.34
C GLN A 24 4.49 10.31 4.65
N ARG A 25 3.32 11.00 4.57
CA ARG A 25 2.43 11.36 5.67
C ARG A 25 1.06 11.84 5.14
N MET A 26 0.00 11.74 5.99
CA MET A 26 -1.36 12.17 5.63
C MET A 26 -1.47 13.71 5.67
N PRO A 27 -1.93 14.35 4.57
CA PRO A 27 -2.03 15.82 4.55
C PRO A 27 -3.03 16.38 5.55
N GLN A 28 -2.70 17.54 6.15
CA GLN A 28 -3.54 18.27 7.12
C GLN A 28 -4.84 18.70 6.43
N GLU A 29 -4.73 19.06 5.14
CA GLU A 29 -5.82 19.48 4.26
C GLU A 29 -6.86 18.36 4.09
N ILE A 30 -6.42 17.08 4.18
CA ILE A 30 -7.29 15.91 4.13
C ILE A 30 -7.92 15.70 5.51
N THR A 31 -7.08 15.74 6.58
CA THR A 31 -7.46 15.59 8.00
C THR A 31 -8.62 16.53 8.36
N ASN A 32 -8.55 17.79 7.89
CA ASN A 32 -9.59 18.79 8.10
C ASN A 32 -10.92 18.37 7.45
N LYS A 33 -10.89 17.73 6.25
CA LYS A 33 -12.10 17.25 5.57
C LYS A 33 -12.80 16.15 6.38
N ILE A 34 -12.02 15.20 6.94
CA ILE A 34 -12.50 14.12 7.83
C ILE A 34 -13.25 14.75 9.01
N LEU A 35 -12.72 15.86 9.57
CA LEU A 35 -13.35 16.56 10.68
C LEU A 35 -14.52 17.47 10.28
N LYS A 36 -14.34 18.32 9.26
CA LYS A 36 -15.26 19.39 8.86
C LYS A 36 -16.34 19.09 7.81
N GLU A 37 -16.02 18.42 6.68
CA GLU A 37 -16.99 18.19 5.58
C GLU A 37 -18.31 17.54 6.01
N ALA A 38 -19.43 17.83 5.30
CA ALA A 38 -20.76 17.30 5.62
C ALA A 38 -20.81 15.77 5.60
N PHE A 39 -21.68 15.17 6.43
CA PHE A 39 -21.83 13.72 6.49
C PHE A 39 -22.96 13.26 5.56
N SER A 40 -22.60 13.04 4.29
CA SER A 40 -23.48 12.59 3.20
C SER A 40 -22.75 11.50 2.42
N ALA A 41 -23.49 10.66 1.67
CA ALA A 41 -22.90 9.60 0.86
C ALA A 41 -21.99 10.18 -0.24
N GLU A 42 -22.38 11.35 -0.81
CA GLU A 42 -21.64 12.05 -1.87
C GLU A 42 -20.36 12.66 -1.30
N GLU A 43 -20.46 13.37 -0.17
CA GLU A 43 -19.32 14.01 0.50
C GLU A 43 -18.32 13.00 1.05
N ASN A 44 -18.81 11.87 1.60
CA ASN A 44 -17.93 10.83 2.14
C ASN A 44 -17.21 10.11 1.01
N PHE A 45 -17.90 9.88 -0.14
CA PHE A 45 -17.30 9.24 -1.32
C PHE A 45 -16.23 10.16 -1.90
N LEU A 46 -16.47 11.48 -1.87
CA LEU A 46 -15.54 12.50 -2.34
C LEU A 46 -14.26 12.53 -1.48
N ILE A 47 -14.37 12.30 -0.18
CA ILE A 47 -13.23 12.26 0.75
C ILE A 47 -12.35 11.05 0.45
N LEU A 48 -12.95 9.84 0.29
CA LEU A 48 -12.18 8.64 -0.05
C LEU A 48 -11.44 8.82 -1.39
N THR A 49 -12.07 9.51 -2.35
CA THR A 49 -11.49 9.85 -3.66
C THR A 49 -10.23 10.71 -3.46
N GLU A 50 -10.30 11.72 -2.58
CA GLU A 50 -9.20 12.61 -2.24
C GLU A 50 -8.07 11.83 -1.58
N MET A 51 -8.41 11.00 -0.57
CA MET A 51 -7.43 10.18 0.14
C MET A 51 -6.72 9.17 -0.77
N ALA A 52 -7.48 8.47 -1.63
CA ALA A 52 -6.92 7.47 -2.56
C ALA A 52 -6.00 8.10 -3.61
N THR A 53 -6.33 9.33 -4.07
CA THR A 53 -5.51 10.08 -5.02
C THR A 53 -4.18 10.45 -4.37
N ASN A 54 -4.23 11.04 -3.16
CA ASN A 54 -3.04 11.42 -2.41
C ASN A 54 -2.12 10.20 -2.22
N HIS A 55 -2.72 9.05 -1.88
CA HIS A 55 -1.98 7.79 -1.72
C HIS A 55 -1.18 7.39 -2.98
N VAL A 56 -1.77 7.50 -4.17
CA VAL A 56 -1.08 7.16 -5.42
C VAL A 56 0.17 8.04 -5.66
N GLN A 57 0.05 9.33 -5.33
CA GLN A 57 1.15 10.29 -5.42
C GLN A 57 2.26 9.90 -4.44
N VAL A 58 1.89 9.56 -3.21
CA VAL A 58 2.81 9.13 -2.17
C VAL A 58 3.45 7.78 -2.56
N LEU A 59 2.66 6.89 -3.20
CA LEU A 59 3.11 5.57 -3.66
C LEU A 59 4.14 5.71 -4.79
N VAL A 60 3.95 6.65 -5.73
CA VAL A 60 4.92 6.87 -6.80
C VAL A 60 6.25 7.38 -6.21
N GLU A 61 6.21 8.31 -5.22
CA GLU A 61 7.45 8.85 -4.60
C GLU A 61 8.21 7.75 -3.86
N PHE A 62 7.47 6.86 -3.15
CA PHE A 62 8.08 5.75 -2.45
C PHE A 62 8.71 4.79 -3.42
N THR A 63 7.98 4.39 -4.47
CA THR A 63 8.39 3.43 -5.51
C THR A 63 9.69 3.85 -6.25
N LYS A 64 9.78 5.14 -6.65
CA LYS A 64 10.94 5.71 -7.35
C LYS A 64 12.24 5.48 -6.60
N LYS A 65 12.21 5.65 -5.28
CA LYS A 65 13.31 5.53 -4.35
C LYS A 65 13.63 4.07 -3.95
N LEU A 66 12.85 3.08 -4.47
CA LEU A 66 13.12 1.68 -4.12
C LEU A 66 14.44 1.22 -4.78
N PRO A 67 15.41 0.65 -4.02
CA PRO A 67 16.67 0.22 -4.65
C PRO A 67 16.49 -0.62 -5.92
N GLY A 68 17.04 -0.11 -7.02
CA GLY A 68 17.02 -0.75 -8.34
C GLY A 68 15.78 -0.51 -9.18
N PHE A 69 14.72 0.07 -8.62
CA PHE A 69 13.47 0.30 -9.37
C PHE A 69 13.70 1.12 -10.64
N GLN A 70 14.59 2.11 -10.55
CA GLN A 70 14.91 2.98 -11.66
C GLN A 70 15.77 2.30 -12.71
N THR A 71 16.43 1.19 -12.35
CA THR A 71 17.25 0.43 -13.30
C THR A 71 16.37 -0.47 -14.18
N LEU A 72 15.06 -0.56 -13.86
CA LEU A 72 14.13 -1.37 -14.65
C LEU A 72 13.69 -0.60 -15.89
N ASP A 73 13.21 -1.35 -16.91
CA ASP A 73 12.66 -0.82 -18.15
C ASP A 73 11.47 0.09 -17.78
N HIS A 74 11.40 1.28 -18.42
CA HIS A 74 10.36 2.28 -18.18
C HIS A 74 8.94 1.72 -18.28
N GLU A 75 8.69 0.77 -19.20
CA GLU A 75 7.37 0.16 -19.37
C GLU A 75 7.02 -0.76 -18.21
N ASP A 76 8.00 -1.51 -17.69
CA ASP A 76 7.82 -2.41 -16.52
C ASP A 76 7.58 -1.63 -15.24
N GLN A 77 8.21 -0.45 -15.11
CA GLN A 77 8.03 0.46 -13.98
C GLN A 77 6.53 0.87 -13.86
N ILE A 78 5.86 1.14 -15.02
CA ILE A 78 4.42 1.49 -15.13
C ILE A 78 3.55 0.29 -14.79
N ALA A 79 3.83 -0.90 -15.39
CA ALA A 79 3.09 -2.13 -15.12
C ALA A 79 3.20 -2.52 -13.63
N LEU A 80 4.36 -2.26 -12.99
CA LEU A 80 4.53 -2.56 -11.57
C LEU A 80 3.66 -1.62 -10.72
N LEU A 81 3.64 -0.31 -11.07
CA LEU A 81 2.86 0.69 -10.37
C LEU A 81 1.36 0.41 -10.50
N LYS A 82 0.92 0.04 -11.71
CA LYS A 82 -0.47 -0.27 -12.01
C LYS A 82 -0.94 -1.57 -11.34
N GLY A 83 -0.09 -2.59 -11.35
CA GLY A 83 -0.42 -3.87 -10.72
C GLY A 83 -0.53 -3.81 -9.20
N SER A 84 0.21 -2.88 -8.54
CA SER A 84 0.26 -2.85 -7.08
C SER A 84 -0.56 -1.79 -6.39
N ALA A 85 -1.02 -0.78 -7.15
CA ALA A 85 -1.77 0.35 -6.60
C ALA A 85 -2.89 -0.02 -5.65
N VAL A 86 -3.75 -0.98 -6.03
CA VAL A 86 -4.90 -1.40 -5.22
C VAL A 86 -4.45 -2.07 -3.91
N GLU A 87 -3.52 -3.04 -4.00
CA GLU A 87 -2.96 -3.75 -2.85
C GLU A 87 -2.20 -2.81 -1.91
N ALA A 88 -1.43 -1.85 -2.47
CA ALA A 88 -0.69 -0.87 -1.67
C ALA A 88 -1.66 0.04 -0.91
N MET A 89 -2.79 0.42 -1.56
CA MET A 89 -3.84 1.23 -0.92
C MET A 89 -4.44 0.51 0.30
N PHE A 90 -4.82 -0.76 0.17
CA PHE A 90 -5.40 -1.53 1.28
C PHE A 90 -4.43 -1.76 2.46
N LEU A 91 -3.12 -1.90 2.15
CA LEU A 91 -2.09 -2.12 3.16
C LEU A 91 -1.83 -0.83 3.96
N ARG A 92 -1.77 0.29 3.25
CA ARG A 92 -1.58 1.61 3.85
C ARG A 92 -2.84 1.98 4.69
N SER A 93 -4.05 1.64 4.18
CA SER A 93 -5.35 1.85 4.84
C SER A 93 -5.37 1.14 6.22
N ALA A 94 -4.89 -0.12 6.25
CA ALA A 94 -4.72 -0.96 7.44
C ALA A 94 -3.78 -0.28 8.40
N GLU A 95 -2.64 0.27 7.88
CA GLU A 95 -1.67 0.97 8.72
C GLU A 95 -2.31 2.19 9.41
N ILE A 96 -2.92 3.13 8.62
CA ILE A 96 -3.61 4.32 9.11
C ILE A 96 -4.66 3.98 10.20
N PHE A 97 -5.46 2.91 9.97
CA PHE A 97 -6.52 2.43 10.86
C PHE A 97 -6.01 1.95 12.21
N ASN A 98 -4.89 1.21 12.22
CA ASN A 98 -4.30 0.67 13.44
C ASN A 98 -3.31 1.63 14.11
N LYS A 99 -2.85 2.67 13.39
CA LYS A 99 -1.82 3.60 13.90
C LYS A 99 -2.21 5.10 13.81
N LYS A 100 -1.70 5.78 12.76
CA LYS A 100 -1.73 7.20 12.35
C LYS A 100 -2.91 8.11 12.80
N LEU A 101 -4.12 7.56 13.05
CA LEU A 101 -5.28 8.39 13.43
C LEU A 101 -5.66 8.39 14.91
N PRO A 102 -6.05 9.57 15.47
CA PRO A 102 -6.50 9.61 16.88
C PRO A 102 -7.77 8.80 17.10
N SER A 103 -7.93 8.22 18.31
CA SER A 103 -9.06 7.39 18.73
C SER A 103 -10.45 7.90 18.28
N GLY A 104 -10.73 9.19 18.50
CA GLY A 104 -11.99 9.84 18.15
C GLY A 104 -12.15 10.19 16.68
N HIS A 105 -11.03 10.53 16.02
CA HIS A 105 -10.99 10.88 14.59
C HIS A 105 -11.15 9.65 13.72
N SER A 106 -10.57 8.51 14.17
CA SER A 106 -10.67 7.22 13.49
C SER A 106 -12.13 6.79 13.39
N ASP A 107 -12.91 7.04 14.46
CA ASP A 107 -14.33 6.73 14.56
C ASP A 107 -15.12 7.51 13.51
N LEU A 108 -14.81 8.82 13.34
CA LEU A 108 -15.39 9.71 12.34
C LEU A 108 -15.02 9.22 10.93
N LEU A 109 -13.76 8.81 10.71
CA LEU A 109 -13.30 8.25 9.42
C LEU A 109 -14.04 6.96 9.09
N GLU A 110 -14.16 6.02 10.08
CA GLU A 110 -14.90 4.75 9.96
C GLU A 110 -16.36 5.03 9.59
N ALA A 111 -16.95 6.03 10.27
CA ALA A 111 -18.32 6.48 10.02
C ALA A 111 -18.49 6.92 8.56
N ARG A 112 -17.47 7.62 8.00
CA ARG A 112 -17.47 8.08 6.61
C ARG A 112 -17.20 6.95 5.62
N ILE A 113 -16.30 5.99 5.97
CA ILE A 113 -16.01 4.82 5.12
C ILE A 113 -17.26 3.92 5.05
N ARG A 114 -18.02 3.81 6.16
CA ARG A 114 -19.25 2.98 6.20
C ARG A 114 -20.49 3.68 5.63
N ASN A 115 -20.38 5.00 5.35
CA ASN A 115 -21.49 5.78 4.81
C ASN A 115 -21.09 6.53 3.54
N SER A 116 -20.36 5.84 2.66
CA SER A 116 -19.87 6.37 1.38
C SER A 116 -20.66 5.83 0.17
N GLY A 117 -21.68 5.01 0.45
CA GLY A 117 -22.52 4.40 -0.57
C GLY A 117 -21.94 3.12 -1.15
N ILE A 118 -20.86 2.61 -0.52
CA ILE A 118 -20.19 1.36 -0.89
C ILE A 118 -20.90 0.22 -0.17
N SER A 119 -21.08 -0.92 -0.87
CA SER A 119 -21.77 -2.10 -0.35
C SER A 119 -21.01 -2.79 0.77
N ASP A 120 -21.76 -3.29 1.78
CA ASP A 120 -21.23 -4.01 2.94
C ASP A 120 -20.52 -5.31 2.60
N GLU A 121 -20.81 -5.93 1.43
CA GLU A 121 -20.13 -7.16 0.98
C GLU A 121 -18.63 -6.89 0.68
N TYR A 122 -18.26 -5.59 0.60
CA TYR A 122 -16.91 -5.09 0.36
C TYR A 122 -16.36 -4.39 1.60
N ILE A 123 -17.21 -3.62 2.32
CA ILE A 123 -16.82 -2.89 3.53
C ILE A 123 -16.48 -3.86 4.66
N THR A 124 -17.23 -4.98 4.77
CA THR A 124 -17.03 -6.00 5.80
C THR A 124 -15.65 -6.69 5.66
N PRO A 125 -15.23 -7.31 4.50
CA PRO A 125 -13.87 -7.90 4.46
C PRO A 125 -12.73 -6.89 4.59
N MET A 126 -12.99 -5.60 4.30
CA MET A 126 -12.05 -4.48 4.38
C MET A 126 -11.63 -4.21 5.83
N PHE A 127 -12.62 -4.04 6.74
CA PHE A 127 -12.39 -3.80 8.15
C PHE A 127 -11.87 -5.04 8.85
N SER A 128 -12.30 -6.22 8.36
CA SER A 128 -11.82 -7.53 8.80
C SER A 128 -10.32 -7.58 8.53
N PHE A 129 -9.88 -7.16 7.31
CA PHE A 129 -8.48 -7.14 6.91
C PHE A 129 -7.66 -6.21 7.80
N TYR A 130 -8.14 -4.96 8.05
CA TYR A 130 -7.47 -4.02 8.95
C TYR A 130 -7.32 -4.68 10.33
N LYS A 131 -8.42 -5.27 10.87
CA LYS A 131 -8.40 -5.95 12.17
C LYS A 131 -7.38 -7.07 12.20
N SER A 132 -7.30 -7.86 11.12
CA SER A 132 -6.36 -8.98 10.97
C SER A 132 -4.90 -8.49 10.96
N ILE A 133 -4.63 -7.38 10.27
CA ILE A 133 -3.32 -6.75 10.22
C ILE A 133 -2.93 -6.23 11.64
N GLY A 134 -3.90 -5.58 12.30
CA GLY A 134 -3.77 -5.05 13.65
C GLY A 134 -3.33 -6.11 14.65
N GLU A 135 -3.87 -7.34 14.50
CA GLU A 135 -3.57 -8.52 15.33
C GLU A 135 -2.11 -8.92 15.26
N LEU A 136 -1.48 -8.76 14.08
CA LEU A 136 -0.07 -9.08 13.89
C LEU A 136 0.89 -8.10 14.59
N LYS A 137 0.39 -6.89 14.99
CA LYS A 137 1.17 -5.84 15.67
C LYS A 137 2.47 -5.59 14.87
N MET A 138 2.29 -5.28 13.58
CA MET A 138 3.39 -5.07 12.66
C MET A 138 4.18 -3.84 12.98
N THR A 139 5.51 -3.98 12.95
CA THR A 139 6.42 -2.85 13.13
C THR A 139 6.41 -2.04 11.82
N GLN A 140 6.98 -0.84 11.85
CA GLN A 140 7.10 0.07 10.73
C GLN A 140 7.94 -0.57 9.61
N GLU A 141 9.02 -1.29 9.99
CA GLU A 141 9.91 -2.00 9.07
C GLU A 141 9.12 -3.06 8.29
N GLU A 142 8.23 -3.80 8.97
CA GLU A 142 7.35 -4.79 8.36
C GLU A 142 6.37 -4.16 7.40
N TYR A 143 5.75 -3.02 7.78
CA TYR A 143 4.85 -2.29 6.88
C TYR A 143 5.60 -1.83 5.62
N ALA A 144 6.81 -1.26 5.82
CA ALA A 144 7.66 -0.75 4.73
C ALA A 144 8.16 -1.88 3.83
N LEU A 145 8.60 -3.01 4.41
CA LEU A 145 9.03 -4.17 3.61
C LEU A 145 7.89 -4.84 2.89
N LEU A 146 6.71 -4.99 3.53
CA LEU A 146 5.55 -5.59 2.85
C LEU A 146 5.10 -4.77 1.64
N THR A 147 5.06 -3.44 1.80
CA THR A 147 4.71 -2.52 0.73
C THR A 147 5.69 -2.67 -0.45
N ALA A 148 7.01 -2.70 -0.17
CA ALA A 148 8.05 -2.86 -1.21
C ALA A 148 7.91 -4.23 -1.94
N ILE A 149 7.65 -5.32 -1.21
CA ILE A 149 7.44 -6.67 -1.77
C ILE A 149 6.20 -6.72 -2.68
N VAL A 150 5.13 -5.99 -2.30
CA VAL A 150 3.89 -5.85 -3.04
C VAL A 150 4.13 -5.13 -4.37
N ILE A 151 4.88 -4.01 -4.34
CA ILE A 151 5.19 -3.21 -5.52
C ILE A 151 6.08 -4.02 -6.48
N LEU A 152 7.15 -4.62 -5.95
CA LEU A 152 8.13 -5.38 -6.73
C LEU A 152 7.71 -6.84 -6.93
N SER A 153 6.43 -7.08 -7.30
CA SER A 153 5.92 -8.42 -7.57
C SER A 153 6.20 -8.82 -9.01
N PRO A 154 6.99 -9.89 -9.24
CA PRO A 154 7.33 -10.28 -10.62
C PRO A 154 6.19 -10.90 -11.43
N ASP A 155 5.06 -11.24 -10.76
CA ASP A 155 3.93 -11.92 -11.37
C ASP A 155 2.77 -10.98 -11.75
N ARG A 156 3.05 -9.70 -12.02
CA ARG A 156 1.97 -8.80 -12.45
C ARG A 156 1.86 -8.95 -13.95
N GLN A 157 0.70 -8.61 -14.49
CA GLN A 157 0.48 -8.67 -15.93
C GLN A 157 1.27 -7.56 -16.61
N TYR A 158 1.70 -7.83 -17.85
CA TYR A 158 2.38 -6.92 -18.79
C TYR A 158 3.83 -6.52 -18.38
N ILE A 159 4.58 -7.40 -17.71
CA ILE A 159 6.00 -7.13 -17.38
C ILE A 159 6.88 -7.85 -18.43
N LYS A 160 7.71 -7.07 -19.14
CA LYS A 160 8.64 -7.57 -20.18
C LYS A 160 9.79 -8.41 -19.59
N ASP A 161 10.43 -7.95 -18.50
CA ASP A 161 11.54 -8.65 -17.87
C ASP A 161 11.26 -8.91 -16.37
N ARG A 162 10.64 -10.06 -16.09
CA ARG A 162 10.22 -10.52 -14.75
C ARG A 162 11.39 -10.93 -13.88
N GLU A 163 12.47 -11.47 -14.50
CA GLU A 163 13.68 -11.92 -13.82
C GLU A 163 14.37 -10.72 -13.15
N ALA A 164 14.38 -9.56 -13.83
CA ALA A 164 14.93 -8.29 -13.32
C ALA A 164 14.17 -7.85 -12.07
N VAL A 165 12.85 -8.10 -12.05
CA VAL A 165 12.00 -7.78 -10.91
C VAL A 165 12.25 -8.77 -9.75
N GLU A 166 12.38 -10.08 -10.05
CA GLU A 166 12.68 -11.15 -9.09
C GLU A 166 13.92 -10.81 -8.30
N LYS A 167 14.98 -10.36 -9.01
CA LYS A 167 16.26 -9.94 -8.42
C LYS A 167 16.11 -8.76 -7.43
N LEU A 168 15.03 -7.95 -7.57
CA LEU A 168 14.78 -6.82 -6.68
C LEU A 168 13.96 -7.22 -5.47
N GLN A 169 12.98 -8.12 -5.65
CA GLN A 169 12.08 -8.59 -4.59
C GLN A 169 12.69 -9.64 -3.64
N GLU A 170 13.40 -10.64 -4.19
CA GLU A 170 14.00 -11.71 -3.39
C GLU A 170 14.86 -11.15 -2.23
N PRO A 171 15.73 -10.12 -2.43
CA PRO A 171 16.50 -9.57 -1.30
C PRO A 171 15.64 -8.96 -0.19
N LEU A 172 14.46 -8.43 -0.55
CA LEU A 172 13.51 -7.84 0.39
C LEU A 172 12.83 -8.93 1.23
N LEU A 173 12.51 -10.09 0.62
CA LEU A 173 11.91 -11.24 1.32
C LEU A 173 12.92 -11.81 2.30
N ASP A 174 14.22 -11.80 1.92
CA ASP A 174 15.35 -12.26 2.74
C ASP A 174 15.52 -11.36 3.97
N VAL A 175 15.45 -10.02 3.79
CA VAL A 175 15.52 -9.05 4.89
C VAL A 175 14.33 -9.24 5.85
N LEU A 176 13.09 -9.28 5.30
CA LEU A 176 11.88 -9.49 6.08
C LEU A 176 11.91 -10.79 6.89
N GLN A 177 12.33 -11.92 6.28
CA GLN A 177 12.42 -13.21 6.99
C GLN A 177 13.45 -13.16 8.12
N LYS A 178 14.60 -12.50 7.88
CA LYS A 178 15.67 -12.35 8.87
C LYS A 178 15.21 -11.46 10.05
N LEU A 179 14.37 -10.44 9.78
CA LEU A 179 13.84 -9.56 10.83
C LEU A 179 12.92 -10.32 11.78
N CYS A 180 12.15 -11.29 11.25
CA CYS A 180 11.26 -12.17 12.00
C CYS A 180 12.06 -13.06 12.94
N LYS A 181 13.18 -13.63 12.45
CA LYS A 181 14.07 -14.50 13.21
C LYS A 181 14.76 -13.72 14.35
N ILE A 182 15.09 -12.44 14.09
CA ILE A 182 15.73 -11.56 15.06
C ILE A 182 14.75 -11.08 16.15
N HIS A 183 13.59 -10.53 15.76
CA HIS A 183 12.62 -9.94 16.69
C HIS A 183 11.57 -10.89 17.25
N GLN A 184 11.24 -11.96 16.53
CA GLN A 184 10.26 -12.95 17.01
C GLN A 184 10.89 -14.38 16.97
N PRO A 185 12.07 -14.65 17.62
CA PRO A 185 12.64 -16.01 17.56
C PRO A 185 11.76 -17.10 18.18
N GLU A 186 10.85 -16.71 19.11
CA GLU A 186 9.92 -17.60 19.81
C GLU A 186 8.62 -17.86 19.00
N ASN A 187 8.45 -17.15 17.87
CA ASN A 187 7.28 -17.31 16.98
C ASN A 187 7.78 -17.73 15.58
N PRO A 188 8.18 -19.03 15.37
CA PRO A 188 8.71 -19.44 14.04
C PRO A 188 7.68 -19.46 12.91
N GLN A 189 6.44 -19.00 13.20
CA GLN A 189 5.36 -18.88 12.24
C GLN A 189 5.11 -17.41 11.89
N HIS A 190 5.88 -16.46 12.48
CA HIS A 190 5.68 -15.02 12.22
C HIS A 190 5.79 -14.65 10.73
N PHE A 191 6.81 -15.17 10.01
CA PHE A 191 7.02 -14.91 8.58
C PHE A 191 5.86 -15.43 7.72
N ALA A 192 5.33 -16.63 8.07
CA ALA A 192 4.20 -17.29 7.42
C ALA A 192 2.92 -16.47 7.59
N CYS A 193 2.79 -15.76 8.75
CA CYS A 193 1.64 -14.91 9.04
C CYS A 193 1.64 -13.66 8.16
N LEU A 194 2.82 -13.07 7.93
CA LEU A 194 2.98 -11.89 7.08
C LEU A 194 2.65 -12.25 5.62
N LEU A 195 3.12 -13.44 5.16
CA LEU A 195 2.82 -13.97 3.82
C LEU A 195 1.31 -14.23 3.71
N GLY A 196 0.67 -14.53 4.85
CA GLY A 196 -0.77 -14.71 4.96
C GLY A 196 -1.49 -13.44 4.53
N ARG A 197 -0.99 -12.26 4.98
CA ARG A 197 -1.58 -10.96 4.66
C ARG A 197 -1.36 -10.59 3.19
N LEU A 198 -0.28 -11.08 2.57
CA LEU A 198 0.06 -10.89 1.16
C LEU A 198 -0.98 -11.57 0.25
N THR A 199 -1.47 -12.78 0.64
CA THR A 199 -2.50 -13.52 -0.10
C THR A 199 -3.87 -12.87 0.12
N GLU A 200 -4.14 -12.41 1.37
CA GLU A 200 -5.37 -11.69 1.71
C GLU A 200 -5.46 -10.42 0.83
N LEU A 201 -4.35 -9.61 0.79
CA LEU A 201 -4.23 -8.39 -0.03
C LEU A 201 -4.60 -8.63 -1.49
N ARG A 202 -4.19 -9.78 -2.05
CA ARG A 202 -4.45 -10.15 -3.43
C ARG A 202 -5.93 -10.41 -3.73
N THR A 203 -6.76 -10.76 -2.71
CA THR A 203 -8.20 -10.97 -2.90
C THR A 203 -8.88 -9.62 -3.11
N PHE A 204 -8.29 -8.55 -2.53
CA PHE A 204 -8.80 -7.19 -2.66
C PHE A 204 -8.76 -6.66 -4.09
N ASN A 205 -7.93 -7.25 -4.96
CA ASN A 205 -7.90 -6.90 -6.39
C ASN A 205 -9.20 -7.32 -7.03
N HIS A 206 -9.72 -8.50 -6.63
CA HIS A 206 -10.99 -9.06 -7.10
C HIS A 206 -12.17 -8.26 -6.53
N HIS A 207 -12.17 -7.96 -5.22
CA HIS A 207 -13.20 -7.16 -4.54
C HIS A 207 -13.28 -5.77 -5.19
N HIS A 208 -12.12 -5.12 -5.45
CA HIS A 208 -12.03 -3.76 -6.00
C HIS A 208 -12.63 -3.63 -7.40
N ALA A 209 -12.31 -4.57 -8.31
CA ALA A 209 -12.80 -4.59 -9.69
C ALA A 209 -14.34 -4.75 -9.71
N GLU A 210 -14.86 -5.55 -8.78
CA GLU A 210 -16.29 -5.79 -8.60
C GLU A 210 -16.96 -4.56 -7.96
N MET A 211 -16.21 -3.80 -7.13
CA MET A 211 -16.68 -2.58 -6.47
C MET A 211 -17.05 -1.49 -7.51
N LEU A 212 -16.25 -1.39 -8.60
CA LEU A 212 -16.44 -0.43 -9.69
C LEU A 212 -17.50 -0.90 -10.68
N HIS A 220 -20.47 7.77 -10.35
CA HIS A 220 -19.61 8.92 -10.07
C HIS A 220 -18.16 8.69 -10.49
N LYS A 221 -17.74 9.41 -11.56
CA LYS A 221 -16.39 9.35 -12.15
C LYS A 221 -15.33 9.82 -11.17
N PHE A 222 -14.17 9.16 -11.22
CA PHE A 222 -13.04 9.36 -10.33
C PHE A 222 -11.97 10.29 -10.91
N THR A 223 -10.94 10.55 -10.09
CA THR A 223 -9.74 11.35 -10.37
C THR A 223 -8.94 10.74 -11.56
N PRO A 224 -8.23 11.56 -12.39
CA PRO A 224 -7.47 10.99 -13.52
C PRO A 224 -6.40 10.02 -13.06
N LEU A 225 -5.74 10.32 -11.91
CA LEU A 225 -4.71 9.48 -11.31
C LEU A 225 -5.27 8.10 -10.96
N LEU A 226 -6.53 8.04 -10.50
CA LEU A 226 -7.24 6.81 -10.16
C LEU A 226 -7.68 6.04 -11.39
N CYS A 227 -8.36 6.71 -12.36
CA CYS A 227 -8.86 6.12 -13.62
C CYS A 227 -7.76 5.40 -14.40
N GLU A 228 -6.56 6.02 -14.46
CA GLU A 228 -5.39 5.51 -15.15
C GLU A 228 -4.74 4.34 -14.40
N ILE A 229 -4.51 4.49 -13.07
CA ILE A 229 -3.87 3.44 -12.29
C ILE A 229 -4.81 2.21 -12.04
N TRP A 230 -6.14 2.37 -12.22
CA TRP A 230 -7.07 1.24 -12.05
C TRP A 230 -7.55 0.62 -13.37
N ASP A 231 -7.34 1.31 -14.52
CA ASP A 231 -7.77 0.86 -15.85
C ASP A 231 -9.30 0.63 -15.87
N VAL A 232 -10.06 1.72 -15.70
CA VAL A 232 -11.54 1.71 -15.63
C VAL A 232 -12.18 2.38 -16.86
N ASP B 2 -2.60 7.00 -22.90
CA ASP B 2 -2.93 6.43 -21.59
C ASP B 2 -1.84 6.69 -20.54
N HIS B 3 -2.24 6.70 -19.24
CA HIS B 3 -1.45 6.93 -18.02
C HIS B 3 -0.36 8.02 -18.20
N GLN B 4 -0.80 9.22 -18.62
CA GLN B 4 0.08 10.38 -18.85
C GLN B 4 0.58 10.97 -17.52
N LEU B 5 -0.34 11.08 -16.52
CA LEU B 5 -0.04 11.62 -15.19
C LEU B 5 0.91 10.71 -14.42
N LEU B 6 0.67 9.37 -14.49
CA LEU B 6 1.53 8.36 -13.87
C LEU B 6 2.94 8.47 -14.45
N ARG B 7 3.03 8.63 -15.78
CA ARG B 7 4.29 8.83 -16.50
C ARG B 7 4.95 10.13 -16.05
N TYR B 8 4.16 11.22 -15.88
CA TYR B 8 4.67 12.52 -15.41
C TYR B 8 5.26 12.41 -13.98
N LEU B 9 4.52 11.73 -13.05
CA LEU B 9 4.95 11.59 -11.66
C LEU B 9 6.21 10.78 -11.51
N LEU B 10 6.30 9.68 -12.27
CA LEU B 10 7.44 8.78 -12.24
C LEU B 10 8.72 9.41 -12.80
N ASP B 11 8.58 10.30 -13.78
CA ASP B 11 9.77 10.92 -14.38
C ASP B 11 10.17 12.31 -13.83
N LYS B 12 9.26 13.02 -13.11
CA LYS B 12 9.49 14.38 -12.61
C LYS B 12 10.73 14.55 -11.74
#